data_3LBY
#
_entry.id   3LBY
#
_cell.length_a   92.210
_cell.length_b   92.210
_cell.length_c   107.010
_cell.angle_alpha   90.00
_cell.angle_beta   90.00
_cell.angle_gamma   120.00
#
_symmetry.space_group_name_H-M   'P 32 2 1'
#
loop_
_entity.id
_entity.type
_entity.pdbx_description
1 polymer 'Putative uncharacterized protein SMU.1697c'
2 non-polymer S-ADENOSYL-L-HOMOCYSTEINE
3 water water
#
_entity_poly.entity_id   1
_entity_poly.type   'polypeptide(L)'
_entity_poly.pdbx_seq_one_letter_code
;MIKRPIELSHDFLSQVLDKNSIAIDATMGNGNDTVFLSHLAKKVYAFDVQEQALIKTREKLEQLNIKNVQLILDGHQTIN
KYVTEPIRAAIFNLGYLPSADKSVITQPATTLTAIKKILERLEIGGRLAIMVYYGHEGGDKEKDAVLNFVKELDQQHFTV
MLYQPLNQINTPPFLVMIEKL
;
_entity_poly.pdbx_strand_id   A,B
#
# COMPACT_ATOMS: atom_id res chain seq x y z
N MET A 1 -0.07 -11.76 6.90
CA MET A 1 1.25 -11.30 6.48
C MET A 1 1.19 -10.02 5.65
N ILE A 2 2.17 -9.15 5.88
CA ILE A 2 2.23 -7.86 5.22
C ILE A 2 2.42 -8.03 3.72
N LYS A 3 1.61 -7.31 2.92
CA LYS A 3 1.63 -7.52 1.47
C LYS A 3 2.77 -6.80 0.79
N ARG A 4 3.39 -7.45 -0.19
CA ARG A 4 4.30 -6.75 -1.10
C ARG A 4 3.45 -5.85 -1.98
N PRO A 5 4.05 -4.76 -2.50
CA PRO A 5 3.32 -3.85 -3.38
C PRO A 5 2.61 -4.60 -4.52
N ILE A 6 3.29 -5.53 -5.18
CA ILE A 6 2.66 -6.28 -6.26
C ILE A 6 1.40 -7.03 -5.79
N GLU A 7 1.43 -7.60 -4.59
CA GLU A 7 0.26 -8.30 -4.05
C GLU A 7 -0.87 -7.30 -3.72
N LEU A 8 -0.53 -6.18 -3.11
CA LEU A 8 -1.54 -5.14 -2.86
C LEU A 8 -2.15 -4.63 -4.16
N SER A 9 -1.36 -4.52 -5.23
CA SER A 9 -1.94 -4.06 -6.50
C SER A 9 -3.10 -4.95 -6.97
N HIS A 10 -2.91 -6.26 -6.90
CA HIS A 10 -3.94 -7.19 -7.32
C HIS A 10 -5.17 -7.11 -6.41
N ASP A 11 -4.93 -7.06 -5.09
CA ASP A 11 -6.02 -6.90 -4.14
C ASP A 11 -6.83 -5.61 -4.42
N PHE A 12 -6.10 -4.52 -4.62
CA PHE A 12 -6.68 -3.20 -4.84
C PHE A 12 -7.61 -3.22 -6.05
N LEU A 13 -7.17 -3.87 -7.13
CA LEU A 13 -7.98 -3.91 -8.34
C LEU A 13 -9.13 -4.92 -8.28
N SER A 14 -8.89 -6.07 -7.65
CA SER A 14 -9.92 -7.11 -7.60
C SER A 14 -11.13 -6.65 -6.81
N GLN A 15 -10.91 -5.73 -5.86
CA GLN A 15 -11.99 -5.25 -5.01
C GLN A 15 -13.10 -4.50 -5.77
N VAL A 16 -12.79 -3.92 -6.92
CA VAL A 16 -13.81 -3.17 -7.65
C VAL A 16 -14.25 -3.83 -8.94
N LEU A 17 -13.60 -4.94 -9.32
CA LEU A 17 -13.91 -5.62 -10.57
C LEU A 17 -15.08 -6.59 -10.48
N ASP A 18 -15.82 -6.70 -11.58
CA ASP A 18 -16.86 -7.71 -11.72
C ASP A 18 -17.10 -7.99 -13.20
N LYS A 19 -18.02 -8.90 -13.49
CA LYS A 19 -18.24 -9.30 -14.87
C LYS A 19 -19.00 -8.29 -15.73
N ASN A 20 -19.27 -7.11 -15.18
CA ASN A 20 -19.74 -5.99 -15.99
C ASN A 20 -18.61 -5.03 -16.35
N SER A 21 -17.43 -5.27 -15.78
CA SER A 21 -16.33 -4.29 -15.83
C SER A 21 -15.42 -4.41 -17.05
N ILE A 22 -14.98 -3.26 -17.56
CA ILE A 22 -13.90 -3.20 -18.53
C ILE A 22 -12.57 -2.91 -17.81
N ALA A 23 -11.54 -3.70 -18.10
CA ALA A 23 -10.24 -3.49 -17.47
C ALA A 23 -9.14 -3.27 -18.50
N ILE A 24 -8.12 -2.51 -18.12
CA ILE A 24 -6.97 -2.26 -18.99
C ILE A 24 -5.68 -2.80 -18.37
N ASP A 25 -4.93 -3.59 -19.14
CA ASP A 25 -3.54 -3.86 -18.80
C ASP A 25 -2.68 -3.00 -19.73
N ALA A 26 -2.13 -1.91 -19.21
CA ALA A 26 -1.36 -0.95 -20.01
C ALA A 26 0.05 -1.40 -20.39
N THR A 27 0.51 -2.48 -19.76
CA THR A 27 1.86 -3.00 -19.98
C THR A 27 1.84 -4.53 -19.95
N MET A 28 1.34 -5.09 -21.05
CA MET A 28 1.10 -6.53 -21.18
C MET A 28 2.26 -7.41 -20.71
N GLY A 29 3.47 -7.10 -21.15
CA GLY A 29 4.64 -7.92 -20.84
C GLY A 29 4.38 -9.41 -21.13
N ASN A 30 4.72 -10.27 -20.18
CA ASN A 30 4.48 -11.70 -20.33
C ASN A 30 3.02 -12.09 -20.07
N GLY A 31 2.17 -11.10 -19.83
CA GLY A 31 0.74 -11.37 -19.76
C GLY A 31 0.16 -11.77 -18.40
N ASN A 32 0.98 -11.79 -17.36
CA ASN A 32 0.44 -12.25 -16.07
C ASN A 32 -0.71 -11.38 -15.51
N ASP A 33 -0.63 -10.05 -15.64
CA ASP A 33 -1.74 -9.19 -15.20
C ASP A 33 -2.96 -9.31 -16.13
N THR A 34 -2.70 -9.51 -17.42
CA THR A 34 -3.77 -9.65 -18.40
C THR A 34 -4.64 -10.87 -18.06
N VAL A 35 -3.99 -11.99 -17.76
CA VAL A 35 -4.70 -13.21 -17.41
C VAL A 35 -5.50 -13.03 -16.12
N PHE A 36 -4.87 -12.46 -15.10
CA PHE A 36 -5.53 -12.15 -13.83
C PHE A 36 -6.79 -11.30 -14.06
N LEU A 37 -6.62 -10.23 -14.82
CA LEU A 37 -7.77 -9.35 -15.07
C LEU A 37 -8.90 -10.06 -15.83
N SER A 38 -8.54 -10.89 -16.80
CA SER A 38 -9.58 -11.51 -17.62
C SER A 38 -10.52 -12.39 -16.79
N HIS A 39 -10.00 -12.95 -15.70
CA HIS A 39 -10.81 -13.81 -14.85
C HIS A 39 -11.91 -13.03 -14.12
N LEU A 40 -11.66 -11.75 -13.87
CA LEU A 40 -12.57 -10.97 -13.03
C LEU A 40 -13.45 -10.01 -13.82
N ALA A 41 -12.98 -9.62 -14.99
CA ALA A 41 -13.63 -8.56 -15.74
C ALA A 41 -14.49 -9.11 -16.87
N LYS A 42 -15.37 -8.27 -17.40
CA LYS A 42 -16.14 -8.59 -18.60
C LYS A 42 -15.24 -8.66 -19.82
N LYS A 43 -14.32 -7.71 -19.91
CA LYS A 43 -13.44 -7.63 -21.07
C LYS A 43 -12.16 -6.89 -20.69
N VAL A 44 -11.03 -7.32 -21.26
CA VAL A 44 -9.73 -6.71 -20.98
C VAL A 44 -9.08 -6.20 -22.26
N TYR A 45 -8.58 -4.97 -22.23
CA TYR A 45 -7.73 -4.47 -23.33
C TYR A 45 -6.32 -4.43 -22.81
N ALA A 46 -5.40 -5.09 -23.51
CA ALA A 46 -4.01 -5.17 -23.06
C ALA A 46 -3.09 -4.60 -24.13
N PHE A 47 -2.13 -3.78 -23.71
CA PHE A 47 -1.27 -3.03 -24.63
C PHE A 47 0.20 -3.39 -24.45
N ASP A 48 0.92 -3.50 -25.56
CA ASP A 48 2.38 -3.55 -25.53
C ASP A 48 2.96 -3.05 -26.84
N VAL A 49 4.21 -2.61 -26.80
CA VAL A 49 4.91 -2.21 -28.01
C VAL A 49 5.88 -3.28 -28.56
N GLN A 50 6.08 -4.36 -27.81
CA GLN A 50 6.95 -5.47 -28.25
C GLN A 50 6.14 -6.68 -28.72
N GLU A 51 6.41 -7.15 -29.93
CA GLU A 51 5.73 -8.31 -30.48
C GLU A 51 5.85 -9.53 -29.56
N GLN A 52 7.02 -9.67 -28.93
CA GLN A 52 7.29 -10.76 -28.01
C GLN A 52 6.27 -10.82 -26.87
N ALA A 53 5.85 -9.65 -26.38
CA ALA A 53 4.82 -9.61 -25.33
C ALA A 53 3.53 -10.24 -25.81
N LEU A 54 3.09 -9.89 -27.02
CA LEU A 54 1.84 -10.46 -27.52
C LEU A 54 2.00 -11.95 -27.77
N ILE A 55 3.15 -12.37 -28.27
CA ILE A 55 3.38 -13.79 -28.50
C ILE A 55 3.26 -14.56 -27.17
N LYS A 56 4.00 -14.11 -26.16
CA LYS A 56 3.94 -14.78 -24.86
C LYS A 56 2.54 -14.75 -24.24
N THR A 57 1.86 -13.60 -24.32
CA THR A 57 0.54 -13.49 -23.71
C THR A 57 -0.50 -14.34 -24.45
N ARG A 58 -0.47 -14.29 -25.77
CA ARG A 58 -1.32 -15.14 -26.60
C ARG A 58 -1.20 -16.60 -26.15
N GLU A 59 0.02 -17.07 -25.91
CA GLU A 59 0.20 -18.47 -25.49
C GLU A 59 -0.53 -18.78 -24.19
N LYS A 60 -0.49 -17.84 -23.25
CA LYS A 60 -1.21 -18.05 -21.99
C LYS A 60 -2.73 -18.05 -22.19
N LEU A 61 -3.23 -17.13 -23.02
CA LEU A 61 -4.66 -17.08 -23.30
C LEU A 61 -5.17 -18.38 -23.93
N GLU A 62 -4.39 -18.93 -24.85
CA GLU A 62 -4.75 -20.19 -25.52
C GLU A 62 -4.80 -21.36 -24.54
N GLN A 63 -3.76 -21.51 -23.73
CA GLN A 63 -3.71 -22.57 -22.73
C GLN A 63 -4.97 -22.57 -21.87
N LEU A 64 -5.43 -21.38 -21.49
CA LEU A 64 -6.53 -21.24 -20.55
C LEU A 64 -7.87 -21.03 -21.26
N ASN A 65 -7.84 -21.05 -22.59
CA ASN A 65 -9.07 -20.88 -23.35
C ASN A 65 -9.79 -19.59 -22.97
N ILE A 66 -9.04 -18.50 -22.88
CA ILE A 66 -9.59 -17.20 -22.53
C ILE A 66 -10.08 -16.48 -23.78
N LYS A 67 -11.32 -15.99 -23.72
CA LYS A 67 -11.95 -15.38 -24.90
C LYS A 67 -12.24 -13.89 -24.75
N ASN A 68 -12.06 -13.33 -23.56
CA ASN A 68 -12.47 -11.95 -23.31
C ASN A 68 -11.32 -10.92 -23.28
N VAL A 69 -10.26 -11.18 -24.02
CA VAL A 69 -9.12 -10.28 -24.03
C VAL A 69 -8.81 -9.79 -25.44
N GLN A 70 -8.53 -8.51 -25.58
CA GLN A 70 -8.13 -7.95 -26.87
C GLN A 70 -6.68 -7.48 -26.72
N LEU A 71 -5.77 -8.11 -27.46
CA LEU A 71 -4.37 -7.74 -27.39
C LEU A 71 -4.09 -6.69 -28.44
N ILE A 72 -3.32 -5.68 -28.05
CA ILE A 72 -3.08 -4.53 -28.90
C ILE A 72 -1.60 -4.21 -29.00
N LEU A 73 -1.08 -4.25 -30.22
CA LEU A 73 0.31 -3.93 -30.46
C LEU A 73 0.37 -2.44 -30.74
N ASP A 74 0.38 -1.63 -29.68
CA ASP A 74 0.43 -0.19 -29.79
C ASP A 74 0.65 0.41 -28.40
N GLY A 75 1.18 1.63 -28.33
CA GLY A 75 1.49 2.25 -27.07
C GLY A 75 0.26 2.49 -26.21
N HIS A 76 0.39 2.34 -24.89
CA HIS A 76 -0.76 2.63 -24.01
C HIS A 76 -1.25 4.07 -24.13
N GLN A 77 -0.40 4.96 -24.65
CA GLN A 77 -0.81 6.35 -24.86
C GLN A 77 -1.88 6.47 -25.96
N THR A 78 -2.09 5.40 -26.71
CA THR A 78 -3.06 5.44 -27.80
C THR A 78 -4.42 4.89 -27.37
N ILE A 79 -4.59 4.69 -26.07
CA ILE A 79 -5.75 3.96 -25.54
C ILE A 79 -7.12 4.45 -26.04
N ASN A 80 -7.26 5.75 -26.25
CA ASN A 80 -8.54 6.30 -26.70
C ASN A 80 -8.95 5.90 -28.11
N LYS A 81 -7.99 5.47 -28.92
CA LYS A 81 -8.28 5.01 -30.28
C LYS A 81 -8.84 3.60 -30.27
N TYR A 82 -8.67 2.90 -29.14
CA TYR A 82 -9.09 1.51 -29.03
C TYR A 82 -10.23 1.28 -28.05
N VAL A 83 -10.32 2.10 -27.00
CA VAL A 83 -11.25 1.87 -25.91
C VAL A 83 -12.24 3.03 -25.77
N THR A 84 -13.53 2.74 -25.98
CA THR A 84 -14.55 3.78 -25.91
C THR A 84 -15.34 3.73 -24.61
N GLU A 85 -15.49 2.55 -24.03
CA GLU A 85 -16.30 2.36 -22.82
C GLU A 85 -15.61 2.90 -21.57
N PRO A 86 -16.41 3.27 -20.55
CA PRO A 86 -15.83 3.65 -19.26
C PRO A 86 -15.05 2.48 -18.63
N ILE A 87 -13.97 2.81 -17.93
CA ILE A 87 -13.05 1.80 -17.40
C ILE A 87 -13.20 1.65 -15.89
N ARG A 88 -13.19 0.41 -15.41
CA ARG A 88 -13.36 0.12 -13.99
C ARG A 88 -12.02 0.02 -13.26
N ALA A 89 -11.05 -0.64 -13.89
CA ALA A 89 -9.74 -0.87 -13.29
C ALA A 89 -8.66 -0.86 -14.36
N ALA A 90 -7.48 -0.40 -13.98
CA ALA A 90 -6.33 -0.40 -14.89
C ALA A 90 -5.05 -0.67 -14.11
N ILE A 91 -4.06 -1.24 -14.80
CA ILE A 91 -2.76 -1.48 -14.18
C ILE A 91 -1.61 -1.08 -15.10
N PHE A 92 -0.57 -0.51 -14.49
CA PHE A 92 0.72 -0.34 -15.14
C PHE A 92 1.75 -1.11 -14.32
N ASN A 93 2.64 -1.81 -15.03
CA ASN A 93 3.88 -2.31 -14.44
C ASN A 93 5.04 -1.69 -15.22
N LEU A 94 5.60 -0.61 -14.70
CA LEU A 94 6.65 0.13 -15.41
C LEU A 94 8.02 -0.56 -15.42
N GLY A 95 8.92 -0.07 -16.29
CA GLY A 95 10.31 -0.53 -16.33
C GLY A 95 10.70 -1.93 -16.80
N TYR A 96 10.55 -2.21 -18.09
CA TYR A 96 11.16 -3.40 -18.76
C TYR A 96 10.90 -4.83 -18.25
N LEU A 97 10.78 -5.76 -19.20
CA LEU A 97 10.66 -7.18 -18.89
C LEU A 97 11.91 -7.95 -19.33
N PRO A 98 12.20 -9.07 -18.64
CA PRO A 98 13.32 -9.96 -18.98
C PRO A 98 13.32 -10.43 -20.44
N SER A 99 13.75 -9.53 -21.34
CA SER A 99 13.79 -9.80 -22.76
C SER A 99 14.33 -8.56 -23.47
N ALA A 100 15.46 -8.06 -22.98
CA ALA A 100 16.00 -6.78 -23.42
C ALA A 100 15.02 -5.66 -23.07
N SER A 103 16.09 -0.63 -23.17
CA SER A 103 15.77 -1.91 -23.79
C SER A 103 14.26 -2.11 -23.88
N VAL A 104 13.60 -1.13 -24.49
CA VAL A 104 12.13 -1.06 -24.55
C VAL A 104 11.52 -0.85 -23.16
N ILE A 105 12.07 0.08 -22.42
CA ILE A 105 11.49 0.44 -21.14
C ILE A 105 10.35 1.42 -21.37
N THR A 106 9.45 1.50 -20.39
CA THR A 106 8.40 2.50 -20.40
C THR A 106 9.06 3.85 -20.19
N GLN A 107 8.43 4.90 -20.71
CA GLN A 107 9.04 6.22 -20.74
C GLN A 107 8.11 7.27 -20.14
N PRO A 108 8.67 8.32 -19.51
CA PRO A 108 7.86 9.30 -18.77
C PRO A 108 6.67 9.90 -19.56
N ALA A 109 6.93 10.49 -20.73
CA ALA A 109 5.86 11.14 -21.49
C ALA A 109 4.73 10.18 -21.87
N THR A 110 5.10 9.03 -22.42
CA THR A 110 4.09 8.05 -22.86
C THR A 110 3.34 7.48 -21.66
N THR A 111 4.07 7.23 -20.58
CA THR A 111 3.47 6.73 -19.35
C THR A 111 2.42 7.71 -18.82
N LEU A 112 2.81 8.97 -18.69
CA LEU A 112 1.92 9.98 -18.12
C LEU A 112 0.72 10.29 -19.01
N THR A 113 0.92 10.23 -20.33
CA THR A 113 -0.17 10.46 -21.26
C THR A 113 -1.20 9.35 -21.11
N ALA A 114 -0.71 8.13 -20.91
CA ALA A 114 -1.60 6.99 -20.78
C ALA A 114 -2.34 7.08 -19.45
N ILE A 115 -1.62 7.45 -18.40
CA ILE A 115 -2.23 7.60 -17.06
C ILE A 115 -3.35 8.65 -17.11
N LYS A 116 -3.04 9.82 -17.64
CA LYS A 116 -4.03 10.90 -17.77
C LYS A 116 -5.31 10.45 -18.48
N LYS A 117 -5.15 9.82 -19.65
CA LYS A 117 -6.30 9.36 -20.42
C LYS A 117 -7.10 8.29 -19.70
N ILE A 118 -6.40 7.39 -19.01
CA ILE A 118 -7.08 6.33 -18.28
C ILE A 118 -7.88 6.96 -17.13
N LEU A 119 -7.26 7.91 -16.43
CA LEU A 119 -7.95 8.59 -15.33
C LEU A 119 -9.17 9.36 -15.81
N GLU A 120 -9.08 9.92 -17.01
CA GLU A 120 -10.23 10.63 -17.57
C GLU A 120 -11.35 9.63 -17.86
N ARG A 121 -10.99 8.41 -18.25
CA ARG A 121 -11.96 7.39 -18.66
C ARG A 121 -12.50 6.53 -17.52
N LEU A 122 -11.87 6.58 -16.35
CA LEU A 122 -12.30 5.73 -15.25
C LEU A 122 -13.72 6.06 -14.83
N GLU A 123 -14.47 5.02 -14.47
CA GLU A 123 -15.75 5.20 -13.81
C GLU A 123 -15.53 5.79 -12.42
N ILE A 124 -16.53 6.48 -11.90
CA ILE A 124 -16.52 6.87 -10.49
C ILE A 124 -16.34 5.60 -9.68
N GLY A 125 -15.41 5.61 -8.73
CA GLY A 125 -15.12 4.40 -7.96
C GLY A 125 -14.08 3.52 -8.66
N GLY A 126 -13.73 3.87 -9.89
CA GLY A 126 -12.72 3.12 -10.63
C GLY A 126 -11.34 3.27 -9.99
N ARG A 127 -10.44 2.33 -10.28
CA ARG A 127 -9.11 2.32 -9.68
C ARG A 127 -7.99 2.15 -10.70
N LEU A 128 -6.88 2.86 -10.48
CA LEU A 128 -5.68 2.67 -11.28
C LEU A 128 -4.54 2.26 -10.35
N ALA A 129 -3.89 1.12 -10.64
CA ALA A 129 -2.69 0.69 -9.91
C ALA A 129 -1.44 0.90 -10.75
N ILE A 130 -0.46 1.61 -10.20
CA ILE A 130 0.82 1.80 -10.88
C ILE A 130 1.98 1.18 -10.07
N MET A 131 2.58 0.14 -10.62
CA MET A 131 3.80 -0.46 -10.05
C MET A 131 5.00 0.24 -10.66
N VAL A 132 5.81 0.84 -9.82
CA VAL A 132 6.96 1.61 -10.28
C VAL A 132 8.26 0.86 -10.03
N TYR A 133 8.92 0.41 -11.09
CA TYR A 133 10.25 -0.20 -11.02
C TYR A 133 11.28 0.84 -11.43
N TYR A 134 12.36 0.98 -10.67
CA TYR A 134 13.39 1.95 -11.02
C TYR A 134 14.78 1.49 -10.58
N GLY A 138 16.91 4.51 -17.16
CA GLY A 138 16.40 5.76 -16.64
C GLY A 138 15.22 5.55 -15.69
N GLY A 139 15.38 4.61 -14.78
CA GLY A 139 14.34 4.26 -13.83
C GLY A 139 13.85 5.43 -12.99
N ASP A 140 14.77 6.32 -12.60
CA ASP A 140 14.43 7.40 -11.67
C ASP A 140 13.67 8.58 -12.29
N LYS A 141 13.93 8.86 -13.57
CA LYS A 141 13.23 9.93 -14.26
C LYS A 141 11.75 9.62 -14.37
N GLU A 142 11.41 8.37 -14.66
CA GLU A 142 10.02 7.95 -14.72
C GLU A 142 9.37 7.95 -13.33
N LYS A 143 10.08 7.38 -12.36
CA LYS A 143 9.65 7.44 -10.96
C LYS A 143 9.22 8.85 -10.57
N ASP A 144 10.16 9.79 -10.63
CA ASP A 144 9.88 11.20 -10.31
C ASP A 144 8.72 11.82 -11.10
N ALA A 145 8.64 11.54 -12.38
CA ALA A 145 7.57 12.09 -13.22
C ALA A 145 6.19 11.59 -12.78
N VAL A 146 6.11 10.32 -12.41
CA VAL A 146 4.85 9.73 -11.98
C VAL A 146 4.46 10.31 -10.64
N LEU A 147 5.42 10.38 -9.72
CA LEU A 147 5.15 10.91 -8.39
C LEU A 147 4.70 12.37 -8.51
N ASN A 148 5.38 13.14 -9.36
CA ASN A 148 5.09 14.56 -9.53
C ASN A 148 3.71 14.74 -10.13
N PHE A 149 3.36 13.89 -11.08
CA PHE A 149 2.05 13.94 -11.72
C PHE A 149 0.91 13.61 -10.75
N VAL A 150 1.02 12.48 -10.04
CA VAL A 150 -0.09 12.07 -9.19
C VAL A 150 -0.28 12.97 -7.97
N LYS A 151 0.80 13.61 -7.52
CA LYS A 151 0.70 14.51 -6.39
C LYS A 151 -0.21 15.72 -6.69
N GLU A 152 -0.32 16.10 -7.97
CA GLU A 152 -1.10 17.28 -8.33
C GLU A 152 -2.56 16.96 -8.65
N LEU A 153 -2.92 15.68 -8.67
CA LEU A 153 -4.31 15.30 -8.87
C LEU A 153 -5.16 15.93 -7.78
N ASP A 154 -6.29 16.51 -8.18
CA ASP A 154 -7.18 17.20 -7.24
C ASP A 154 -7.77 16.21 -6.25
N GLN A 155 -7.67 16.52 -4.96
CA GLN A 155 -8.08 15.60 -3.90
C GLN A 155 -9.58 15.36 -3.85
N GLN A 156 -10.36 16.33 -4.33
CA GLN A 156 -11.79 16.15 -4.44
C GLN A 156 -12.17 15.16 -5.54
N HIS A 157 -11.29 14.94 -6.52
CA HIS A 157 -11.60 14.01 -7.61
C HIS A 157 -10.84 12.69 -7.57
N PHE A 158 -9.69 12.68 -6.89
CA PHE A 158 -8.87 11.48 -6.79
C PHE A 158 -8.23 11.33 -5.41
N THR A 159 -8.15 10.10 -4.93
CA THR A 159 -7.40 9.78 -3.72
C THR A 159 -6.16 9.01 -4.16
N VAL A 160 -4.99 9.53 -3.80
CA VAL A 160 -3.72 8.92 -4.24
C VAL A 160 -2.89 8.47 -3.03
N MET A 161 -2.56 7.18 -2.99
CA MET A 161 -1.80 6.62 -1.88
C MET A 161 -0.50 5.99 -2.38
N LEU A 162 0.58 6.23 -1.64
CA LEU A 162 1.85 5.55 -1.87
C LEU A 162 1.98 4.33 -0.96
N TYR A 163 2.43 3.21 -1.51
CA TYR A 163 2.73 2.00 -0.73
C TYR A 163 4.13 1.50 -1.09
N GLN A 164 5.07 1.76 -0.19
CA GLN A 164 6.49 1.65 -0.49
C GLN A 164 7.30 1.03 0.65
N PRO A 165 8.14 0.04 0.33
CA PRO A 165 9.05 -0.57 1.32
C PRO A 165 10.10 0.44 1.79
N LEU A 166 10.39 0.48 3.09
CA LEU A 166 11.34 1.46 3.62
C LEU A 166 12.73 0.88 3.98
N ASN A 167 12.80 -0.41 4.29
CA ASN A 167 14.05 -0.98 4.79
C ASN A 167 14.69 -2.04 3.90
N GLN A 168 14.36 -2.02 2.61
CA GLN A 168 14.94 -2.99 1.68
C GLN A 168 16.03 -2.36 0.81
N ILE A 169 17.05 -3.15 0.51
CA ILE A 169 18.14 -2.70 -0.36
C ILE A 169 17.75 -2.90 -1.81
N ASN A 170 18.54 -2.31 -2.70
CA ASN A 170 18.37 -2.51 -4.14
C ASN A 170 17.04 -1.98 -4.68
N THR A 171 16.63 -0.82 -4.18
CA THR A 171 15.55 -0.05 -4.77
C THR A 171 14.40 -0.94 -5.24
N PRO A 172 13.62 -1.46 -4.28
CA PRO A 172 12.52 -2.36 -4.63
C PRO A 172 11.39 -1.55 -5.28
N PRO A 173 10.53 -2.20 -6.06
CA PRO A 173 9.43 -1.48 -6.67
C PRO A 173 8.41 -1.04 -5.63
N PHE A 174 7.60 -0.05 -5.98
CA PHE A 174 6.55 0.38 -5.08
C PHE A 174 5.25 0.63 -5.84
N LEU A 175 4.18 0.80 -5.07
CA LEU A 175 2.84 0.90 -5.64
C LEU A 175 2.25 2.30 -5.44
N VAL A 176 1.68 2.85 -6.51
CA VAL A 176 0.83 4.04 -6.38
C VAL A 176 -0.59 3.60 -6.68
N MET A 177 -1.48 3.82 -5.71
CA MET A 177 -2.89 3.48 -5.82
C MET A 177 -3.69 4.74 -6.10
N ILE A 178 -4.59 4.69 -7.08
CA ILE A 178 -5.44 5.84 -7.39
C ILE A 178 -6.89 5.40 -7.51
N GLU A 179 -7.76 6.09 -6.78
CA GLU A 179 -9.18 5.81 -6.80
C GLU A 179 -9.89 7.07 -7.22
N LYS A 180 -10.81 6.94 -8.17
CA LYS A 180 -11.54 8.09 -8.68
C LYS A 180 -12.75 8.30 -7.82
N LEU A 181 -12.94 9.55 -7.38
CA LEU A 181 -13.99 9.90 -6.46
C LEU A 181 -15.22 10.41 -7.22
N MET B 1 -13.28 4.60 -0.69
CA MET B 1 -13.17 3.23 -0.20
C MET B 1 -11.73 2.84 0.11
N ILE B 2 -10.77 3.48 -0.57
CA ILE B 2 -9.37 3.27 -0.20
C ILE B 2 -9.23 3.61 1.27
N LYS B 3 -8.44 2.83 1.99
CA LYS B 3 -8.30 3.06 3.43
C LYS B 3 -7.42 4.26 3.77
N ARG B 4 -7.90 5.11 4.66
CA ARG B 4 -7.04 6.16 5.19
C ARG B 4 -6.00 5.49 6.07
N PRO B 5 -4.81 6.10 6.20
CA PRO B 5 -3.73 5.59 7.05
C PRO B 5 -4.21 5.20 8.45
N ILE B 6 -5.01 6.05 9.09
CA ILE B 6 -5.49 5.73 10.43
C ILE B 6 -6.35 4.47 10.44
N GLU B 7 -7.17 4.29 9.40
CA GLU B 7 -7.98 3.07 9.27
C GLU B 7 -7.10 1.83 9.05
N LEU B 8 -6.08 1.96 8.20
CA LEU B 8 -5.19 0.83 7.96
C LEU B 8 -4.39 0.48 9.22
N SER B 9 -4.07 1.47 10.04
CA SER B 9 -3.34 1.20 11.28
C SER B 9 -4.13 0.25 12.18
N HIS B 10 -5.43 0.47 12.25
CA HIS B 10 -6.32 -0.37 13.04
C HIS B 10 -6.42 -1.75 12.44
N ASP B 11 -6.68 -1.79 11.14
CA ASP B 11 -6.78 -3.06 10.42
C ASP B 11 -5.51 -3.90 10.59
N PHE B 12 -4.36 -3.23 10.47
CA PHE B 12 -3.05 -3.89 10.52
C PHE B 12 -2.84 -4.60 11.85
N LEU B 13 -3.21 -3.92 12.94
CA LEU B 13 -3.03 -4.46 14.27
C LEU B 13 -4.11 -5.49 14.58
N SER B 14 -5.33 -5.20 14.16
CA SER B 14 -6.47 -6.06 14.40
C SER B 14 -6.28 -7.43 13.77
N GLN B 15 -5.61 -7.46 12.62
CA GLN B 15 -5.38 -8.71 11.89
C GLN B 15 -4.54 -9.73 12.65
N VAL B 16 -3.76 -9.29 13.64
CA VAL B 16 -2.88 -10.21 14.38
C VAL B 16 -3.24 -10.32 15.86
N LEU B 17 -4.19 -9.52 16.31
CA LEU B 17 -4.59 -9.54 17.70
C LEU B 17 -5.64 -10.62 18.01
N ASP B 18 -5.54 -11.19 19.20
CA ASP B 18 -6.56 -12.11 19.70
C ASP B 18 -6.55 -12.07 21.21
N LYS B 19 -7.49 -12.77 21.84
CA LYS B 19 -7.64 -12.71 23.28
C LYS B 19 -6.54 -13.46 24.04
N ASN B 20 -5.43 -13.72 23.35
CA ASN B 20 -4.25 -14.28 23.98
C ASN B 20 -3.09 -13.29 23.93
N SER B 21 -3.29 -12.20 23.18
CA SER B 21 -2.23 -11.24 22.86
C SER B 21 -2.10 -10.13 23.88
N ILE B 22 -0.87 -9.69 24.11
CA ILE B 22 -0.63 -8.45 24.85
C ILE B 22 -0.36 -7.33 23.85
N ALA B 23 -1.00 -6.18 24.05
CA ALA B 23 -0.81 -5.04 23.15
C ALA B 23 -0.31 -3.81 23.90
N ILE B 24 0.43 -2.96 23.21
CA ILE B 24 0.88 -1.71 23.81
C ILE B 24 0.35 -0.48 23.07
N ASP B 25 -0.15 0.48 23.83
CA ASP B 25 -0.43 1.80 23.30
C ASP B 25 0.59 2.77 23.91
N ALA B 26 1.62 3.08 23.14
CA ALA B 26 2.76 3.85 23.63
C ALA B 26 2.46 5.35 23.80
N THR B 27 1.35 5.78 23.20
CA THR B 27 0.98 7.19 23.20
C THR B 27 -0.49 7.36 23.54
N MET B 28 -0.84 7.08 24.79
CA MET B 28 -2.23 7.05 25.25
C MET B 28 -3.08 8.28 24.90
N GLY B 29 -2.69 9.45 25.40
CA GLY B 29 -3.50 10.64 25.20
C GLY B 29 -4.98 10.38 25.46
N ASN B 30 -5.80 10.58 24.44
CA ASN B 30 -7.26 10.53 24.57
C ASN B 30 -7.85 9.18 24.97
N GLY B 31 -7.17 8.09 24.61
CA GLY B 31 -7.59 6.77 25.03
C GLY B 31 -8.38 6.00 23.99
N ASN B 32 -8.60 6.61 22.84
CA ASN B 32 -9.35 5.97 21.77
C ASN B 32 -8.71 4.66 21.30
N ASP B 33 -7.39 4.67 21.13
CA ASP B 33 -6.68 3.46 20.70
C ASP B 33 -6.63 2.41 21.80
N THR B 34 -6.55 2.87 23.05
CA THR B 34 -6.55 1.97 24.19
C THR B 34 -7.85 1.17 24.20
N VAL B 35 -8.97 1.88 24.06
CA VAL B 35 -10.28 1.25 24.01
C VAL B 35 -10.39 0.25 22.86
N PHE B 36 -10.01 0.70 21.67
CA PHE B 36 -9.99 -0.16 20.48
C PHE B 36 -9.19 -1.44 20.72
N LEU B 37 -8.04 -1.30 21.39
CA LEU B 37 -7.17 -2.45 21.58
C LEU B 37 -7.69 -3.37 22.68
N SER B 38 -8.33 -2.78 23.69
CA SER B 38 -8.81 -3.55 24.84
C SER B 38 -9.84 -4.59 24.41
N HIS B 39 -10.59 -4.27 23.36
CA HIS B 39 -11.64 -5.16 22.88
C HIS B 39 -11.09 -6.37 22.11
N LEU B 40 -9.83 -6.29 21.69
CA LEU B 40 -9.24 -7.33 20.85
C LEU B 40 -8.17 -8.16 21.56
N ALA B 41 -7.62 -7.63 22.65
CA ALA B 41 -6.46 -8.23 23.28
C ALA B 41 -6.73 -8.80 24.67
N LYS B 42 -5.87 -9.71 25.10
CA LYS B 42 -5.90 -10.22 26.46
C LYS B 42 -5.68 -9.08 27.43
N LYS B 43 -4.59 -8.35 27.23
CA LYS B 43 -4.28 -7.20 28.07
C LYS B 43 -3.62 -6.09 27.27
N VAL B 44 -3.83 -4.86 27.71
CA VAL B 44 -3.25 -3.69 27.07
C VAL B 44 -2.50 -2.83 28.10
N TYR B 45 -1.26 -2.49 27.79
CA TYR B 45 -0.52 -1.52 28.58
C TYR B 45 -0.48 -0.19 27.82
N ALA B 46 -0.87 0.88 28.49
CA ALA B 46 -0.92 2.19 27.87
C ALA B 46 -0.07 3.22 28.63
N PHE B 47 0.64 4.06 27.88
CA PHE B 47 1.57 5.01 28.50
C PHE B 47 1.27 6.45 28.12
N ASP B 48 1.39 7.34 29.09
CA ASP B 48 1.34 8.79 28.83
C ASP B 48 2.06 9.54 29.95
N VAL B 49 2.65 10.68 29.59
CA VAL B 49 3.32 11.53 30.57
C VAL B 49 2.33 12.42 31.28
N GLN B 50 1.16 12.60 30.66
CA GLN B 50 0.11 13.45 31.20
C GLN B 50 -0.82 12.66 32.12
N GLU B 51 -1.08 13.20 33.31
CA GLU B 51 -1.94 12.55 34.29
C GLU B 51 -3.39 12.55 33.80
N GLN B 63 -16.15 2.98 33.23
CA GLN B 63 -17.21 3.55 32.41
C GLN B 63 -17.77 2.50 31.46
N LEU B 64 -16.89 1.84 30.71
CA LEU B 64 -17.31 0.74 29.85
C LEU B 64 -16.99 -0.58 30.54
N ASN B 65 -16.58 -0.48 31.81
CA ASN B 65 -16.25 -1.65 32.62
C ASN B 65 -15.23 -2.56 31.93
N ILE B 66 -14.14 -1.96 31.45
CA ILE B 66 -13.15 -2.70 30.66
C ILE B 66 -12.27 -3.65 31.50
N LYS B 67 -11.43 -3.08 32.35
CA LYS B 67 -10.67 -3.88 33.34
C LYS B 67 -9.47 -4.70 32.83
N ASN B 68 -9.26 -4.76 31.52
CA ASN B 68 -8.09 -5.48 31.00
C ASN B 68 -7.00 -4.53 30.50
N VAL B 69 -6.87 -3.39 31.17
CA VAL B 69 -5.95 -2.34 30.75
C VAL B 69 -5.18 -1.79 31.94
N GLN B 70 -3.88 -1.64 31.77
CA GLN B 70 -3.05 -1.01 32.80
C GLN B 70 -2.52 0.32 32.29
N LEU B 71 -2.84 1.40 33.01
CA LEU B 71 -2.36 2.73 32.64
C LEU B 71 -1.07 3.06 33.38
N ILE B 72 -0.04 3.44 32.62
CA ILE B 72 1.25 3.78 33.21
C ILE B 72 1.62 5.23 32.88
N LEU B 73 1.95 6.00 33.92
CA LEU B 73 2.29 7.41 33.74
C LEU B 73 3.80 7.62 33.91
N ASP B 74 4.53 7.49 32.80
CA ASP B 74 5.99 7.55 32.83
C ASP B 74 6.61 7.03 31.53
N GLY B 75 7.00 7.96 30.67
CA GLY B 75 7.72 7.66 29.43
C GLY B 75 7.60 6.27 28.83
N HIS B 76 7.03 6.18 27.63
CA HIS B 76 6.93 4.91 26.95
C HIS B 76 8.30 4.26 26.78
N GLN B 77 9.36 5.07 26.88
CA GLN B 77 10.72 4.55 26.80
C GLN B 77 11.06 3.69 28.02
N THR B 78 10.20 3.74 29.03
CA THR B 78 10.35 2.90 30.22
C THR B 78 9.51 1.64 30.11
N ILE B 79 9.31 1.17 28.88
CA ILE B 79 8.56 -0.06 28.64
C ILE B 79 9.20 -1.26 29.34
N ASN B 80 10.50 -1.44 29.13
CA ASN B 80 11.21 -2.60 29.67
C ASN B 80 11.11 -2.74 31.19
N LYS B 81 10.53 -1.72 31.83
CA LYS B 81 10.37 -1.74 33.28
C LYS B 81 8.95 -2.08 33.70
N TYR B 82 8.03 -2.11 32.72
CA TYR B 82 6.62 -2.34 33.02
C TYR B 82 6.06 -3.64 32.41
N VAL B 83 6.39 -3.90 31.16
CA VAL B 83 5.88 -5.09 30.49
C VAL B 83 7.01 -6.10 30.36
N THR B 84 6.71 -7.37 30.64
CA THR B 84 7.73 -8.39 30.56
C THR B 84 7.47 -9.38 29.43
N GLU B 85 6.20 -9.67 29.18
CA GLU B 85 5.81 -10.68 28.19
C GLU B 85 6.05 -10.23 26.74
N PRO B 86 6.05 -11.20 25.81
CA PRO B 86 6.09 -10.88 24.38
C PRO B 86 4.88 -10.05 23.96
N ILE B 87 5.06 -9.16 22.99
CA ILE B 87 4.01 -8.24 22.54
C ILE B 87 3.53 -8.65 21.16
N ARG B 88 2.22 -8.72 21.00
CA ARG B 88 1.65 -9.08 19.70
C ARG B 88 1.51 -7.87 18.79
N ALA B 89 1.05 -6.75 19.35
CA ALA B 89 0.79 -5.54 18.58
C ALA B 89 1.05 -4.28 19.38
N ALA B 90 1.57 -3.25 18.72
CA ALA B 90 1.78 -1.96 19.37
C ALA B 90 1.43 -0.80 18.44
N ILE B 91 0.86 0.26 19.02
CA ILE B 91 0.65 1.48 18.26
C ILE B 91 1.40 2.66 18.86
N PHE B 92 1.98 3.46 17.99
CA PHE B 92 2.79 4.59 18.37
C PHE B 92 2.37 5.78 17.53
N ASN B 93 2.26 6.94 18.17
CA ASN B 93 2.00 8.19 17.46
C ASN B 93 3.26 9.07 17.49
N LEU B 94 3.54 9.71 16.37
CA LEU B 94 4.76 10.47 16.21
C LEU B 94 4.37 11.85 15.69
N GLY B 95 5.09 12.89 16.12
CA GLY B 95 4.81 14.23 15.65
C GLY B 95 4.04 15.06 16.66
N TYR B 96 4.44 16.31 16.79
CA TYR B 96 3.84 17.20 17.77
C TYR B 96 3.15 18.35 17.07
N LEU B 97 2.04 18.79 17.66
CA LEU B 97 1.33 19.97 17.16
C LEU B 97 2.13 21.20 17.53
N PRO B 98 2.00 22.28 16.74
CA PRO B 98 2.63 23.54 17.11
C PRO B 98 2.19 23.91 18.52
N SER B 99 3.04 24.57 19.30
CA SER B 99 2.69 24.89 20.68
C SER B 99 2.97 26.35 21.05
N THR B 111 11.55 8.42 22.49
CA THR B 111 10.75 7.77 21.47
C THR B 111 11.55 6.71 20.71
N LEU B 112 12.75 7.09 20.26
CA LEU B 112 13.58 6.18 19.49
C LEU B 112 13.97 4.94 20.29
N THR B 113 14.31 5.10 21.57
CA THR B 113 14.61 3.93 22.40
C THR B 113 13.34 3.17 22.71
N ALA B 114 12.23 3.89 22.89
CA ALA B 114 10.93 3.27 23.08
C ALA B 114 10.58 2.33 21.92
N ILE B 115 10.66 2.85 20.70
CA ILE B 115 10.40 2.04 19.52
C ILE B 115 11.37 0.86 19.47
N LYS B 116 12.66 1.13 19.65
CA LYS B 116 13.67 0.07 19.65
C LYS B 116 13.33 -1.03 20.66
N LYS B 117 12.89 -0.64 21.84
CA LYS B 117 12.57 -1.62 22.88
C LYS B 117 11.32 -2.41 22.54
N ILE B 118 10.33 -1.75 21.94
CA ILE B 118 9.14 -2.45 21.50
C ILE B 118 9.47 -3.48 20.42
N LEU B 119 10.28 -3.08 19.44
CA LEU B 119 10.69 -3.98 18.37
C LEU B 119 11.38 -5.22 18.92
N GLU B 120 12.22 -5.02 19.94
CA GLU B 120 12.91 -6.13 20.58
C GLU B 120 11.92 -7.07 21.26
N ARG B 121 10.87 -6.50 21.84
CA ARG B 121 9.93 -7.28 22.61
C ARG B 121 8.82 -7.92 21.77
N LEU B 122 8.61 -7.40 20.56
CA LEU B 122 7.61 -7.97 19.65
C LEU B 122 7.91 -9.42 19.41
N GLU B 123 6.87 -10.24 19.39
CA GLU B 123 7.07 -11.63 19.03
C GLU B 123 7.14 -11.79 17.51
N ILE B 124 7.60 -12.95 17.06
CA ILE B 124 7.62 -13.27 15.65
C ILE B 124 6.20 -13.13 15.11
N GLY B 125 6.05 -12.39 14.00
CA GLY B 125 4.75 -12.11 13.44
C GLY B 125 4.08 -10.90 14.10
N GLY B 126 4.75 -10.32 15.08
CA GLY B 126 4.20 -9.16 15.79
C GLY B 126 4.28 -7.90 14.95
N ARG B 127 3.44 -6.92 15.26
CA ARG B 127 3.31 -5.73 14.45
C ARG B 127 3.34 -4.44 15.27
N LEU B 128 4.05 -3.45 14.73
CA LEU B 128 4.05 -2.11 15.31
C LEU B 128 3.54 -1.14 14.25
N ALA B 129 2.56 -0.32 14.61
CA ALA B 129 2.02 0.71 13.74
C ALA B 129 2.49 2.07 14.23
N ILE B 130 3.15 2.83 13.37
CA ILE B 130 3.53 4.19 13.74
C ILE B 130 2.77 5.20 12.89
N MET B 131 1.88 5.96 13.51
CA MET B 131 1.21 7.03 12.79
C MET B 131 2.05 8.29 12.98
N VAL B 132 2.41 8.92 11.88
CA VAL B 132 3.23 10.13 11.94
C VAL B 132 2.42 11.33 11.52
N TYR B 133 2.15 12.22 12.48
CA TYR B 133 1.41 13.46 12.23
C TYR B 133 2.42 14.58 12.09
N ALA B 145 14.21 11.38 13.35
CA ALA B 145 15.24 10.37 13.41
C ALA B 145 14.63 8.98 13.32
N VAL B 146 13.36 8.89 13.70
CA VAL B 146 12.65 7.62 13.68
C VAL B 146 12.65 6.98 12.29
N LEU B 147 12.28 7.77 11.27
CA LEU B 147 12.32 7.29 9.90
C LEU B 147 13.70 6.74 9.54
N ASN B 148 14.75 7.49 9.84
CA ASN B 148 16.11 7.02 9.61
C ASN B 148 16.36 5.66 10.26
N PHE B 149 15.79 5.48 11.44
CA PHE B 149 15.97 4.23 12.19
C PHE B 149 15.24 3.05 11.58
N VAL B 150 13.94 3.20 11.29
CA VAL B 150 13.18 2.08 10.74
C VAL B 150 13.72 1.68 9.38
N LYS B 151 14.20 2.66 8.61
CA LYS B 151 14.78 2.37 7.30
C LYS B 151 15.98 1.44 7.45
N GLU B 152 16.67 1.56 8.58
CA GLU B 152 17.91 0.81 8.80
C GLU B 152 17.71 -0.63 9.28
N LEU B 153 16.47 -0.98 9.64
CA LEU B 153 16.19 -2.31 10.13
C LEU B 153 16.54 -3.37 9.08
N ASP B 154 17.09 -4.49 9.54
CA ASP B 154 17.43 -5.59 8.65
C ASP B 154 16.20 -6.23 8.01
N GLN B 155 16.18 -6.27 6.68
CA GLN B 155 15.00 -6.73 5.95
C GLN B 155 14.72 -8.22 6.13
N GLN B 156 15.69 -8.96 6.65
CA GLN B 156 15.52 -10.38 6.90
C GLN B 156 14.77 -10.61 8.22
N HIS B 157 14.72 -9.58 9.06
CA HIS B 157 14.08 -9.69 10.37
C HIS B 157 12.87 -8.77 10.56
N PHE B 158 12.73 -7.77 9.70
CA PHE B 158 11.59 -6.85 9.78
C PHE B 158 11.19 -6.41 8.38
N THR B 159 9.88 -6.31 8.15
CA THR B 159 9.38 -5.64 6.96
C THR B 159 8.79 -4.31 7.38
N VAL B 160 9.28 -3.23 6.77
CA VAL B 160 8.80 -1.88 7.09
C VAL B 160 8.21 -1.26 5.82
N MET B 161 6.92 -0.92 5.87
CA MET B 161 6.23 -0.34 4.72
C MET B 161 5.71 1.05 5.07
N LEU B 162 5.77 1.95 4.07
CA LEU B 162 5.22 3.29 4.16
C LEU B 162 3.87 3.30 3.44
N TYR B 163 2.87 3.90 4.06
CA TYR B 163 1.54 4.06 3.45
C TYR B 163 1.16 5.54 3.64
N GLN B 164 1.24 6.28 2.55
CA GLN B 164 1.20 7.74 2.62
C GLN B 164 0.37 8.37 1.51
N PRO B 165 -0.57 9.26 1.88
CA PRO B 165 -1.36 10.01 0.89
C PRO B 165 -0.43 10.93 0.13
N LEU B 166 -0.61 11.04 -1.19
CA LEU B 166 0.29 11.85 -1.99
C LEU B 166 -0.33 13.16 -2.46
N ASN B 167 -1.65 13.22 -2.57
CA ASN B 167 -2.30 14.38 -3.19
C ASN B 167 -3.20 15.20 -2.26
N GLN B 168 -2.96 15.11 -0.95
CA GLN B 168 -3.75 15.89 0.02
C GLN B 168 -3.17 17.29 0.15
N ILE B 169 -4.03 18.30 0.18
CA ILE B 169 -3.57 19.68 0.16
C ILE B 169 -3.02 20.13 1.52
N ASN B 170 -3.68 19.73 2.60
CA ASN B 170 -3.16 19.96 3.94
C ASN B 170 -2.33 18.72 4.31
N THR B 171 -1.12 18.91 4.82
CA THR B 171 -0.23 17.78 5.03
C THR B 171 -0.80 16.79 6.04
N PRO B 172 -1.24 15.62 5.54
CA PRO B 172 -1.96 14.64 6.34
C PRO B 172 -1.03 13.68 7.06
N PRO B 173 -1.58 12.88 7.98
CA PRO B 173 -0.80 11.89 8.71
C PRO B 173 -0.43 10.73 7.78
N PHE B 174 0.66 10.05 8.05
CA PHE B 174 0.97 8.85 7.27
C PHE B 174 1.33 7.70 8.20
N LEU B 175 1.38 6.49 7.64
CA LEU B 175 1.53 5.29 8.44
C LEU B 175 2.80 4.55 8.05
N VAL B 176 3.55 4.13 9.06
CA VAL B 176 4.66 3.19 8.90
C VAL B 176 4.25 1.88 9.57
N MET B 177 4.23 0.82 8.78
CA MET B 177 3.80 -0.49 9.25
C MET B 177 5.06 -1.33 9.40
N ILE B 178 5.26 -1.89 10.59
CA ILE B 178 6.40 -2.78 10.82
C ILE B 178 5.91 -4.16 11.26
N GLU B 179 6.35 -5.18 10.54
CA GLU B 179 6.06 -6.56 10.92
C GLU B 179 7.35 -7.30 11.23
N LYS B 180 7.42 -7.93 12.39
CA LYS B 180 8.60 -8.73 12.75
C LYS B 180 8.52 -10.11 12.12
N LEU B 181 9.56 -10.48 11.36
CA LEU B 181 9.54 -11.69 10.56
C LEU B 181 9.98 -12.90 11.37
#